data_1PNN
#
_entry.id   1PNN
#
_cell.length_a   73.380
_cell.length_b   73.380
_cell.length_c   141.280
_cell.angle_alpha   90.00
_cell.angle_beta   90.00
_cell.angle_gamma   120.00
#
_symmetry.space_group_name_H-M   'P 65 2 2'
#
loop_
_entity.id
_entity.type
_entity.pdbx_description
1 polymer 'PNA (NH2-P(*C*T*C*T*T*C*T*T*C-HIS-GLY-SER-SER-GLY-HIS-C*T*T*C*T*T*C*T*C)-COOH)'
2 polymer "DNA (5'-D(GP*AP*AP*GP*AP*AP*GP*AP*G)-3')"
3 water water
#
loop_
_entity_poly.entity_id
_entity_poly.type
_entity_poly.pdbx_seq_one_letter_code
_entity_poly.pdbx_strand_id
1 'polydeoxyribonucleotide'
;(CPN)(TPN)(CPN)(TPN)(IPN)(CPN)(TPN)(TPN)(CPN)HGSSGH(CPN)(TPN)(TPN)(CPN)(TPN)
(TPN)(CPN)(TPN)(CPN)
;
A,C
2 'polydeoxyribonucleotide' (DG)(DA)(DA)(DG)(DA)(DA)(DG)(DA)(DG) B,D
#
# COMPACT_ATOMS: atom_id res chain seq x y z
N HIS A 10 -27.44 -1.63 7.59
CA HIS A 10 -28.45 -0.86 6.83
C HIS A 10 -28.85 -1.47 5.48
N GLY A 11 -28.21 -2.60 5.08
CA GLY A 11 -28.50 -3.31 3.84
C GLY A 11 -28.19 -2.59 2.51
N SER A 12 -28.42 -3.34 1.43
CA SER A 12 -28.20 -2.89 0.05
C SER A 12 -29.02 -1.66 -0.32
N SER A 13 -28.44 -0.81 -1.16
CA SER A 13 -29.11 0.42 -1.61
C SER A 13 -29.85 0.34 -2.97
N GLY A 14 -29.24 -0.22 -4.01
CA GLY A 14 -29.91 -0.33 -5.30
C GLY A 14 -29.75 0.87 -6.23
N HIS A 15 -29.65 2.09 -5.71
CA HIS A 15 -29.51 3.24 -6.64
C HIS A 15 -28.29 3.20 -7.61
N HIS C 10 28.52 4.48 -6.71
CA HIS C 10 29.68 4.10 -5.92
C HIS C 10 29.48 3.85 -4.36
N GLY C 11 30.13 4.72 -3.57
CA GLY C 11 30.29 4.95 -2.13
C GLY C 11 29.91 4.06 -0.90
N SER C 12 29.05 3.06 -0.94
CA SER C 12 28.71 2.26 0.27
C SER C 12 29.63 1.09 0.68
N SER C 13 29.82 0.90 1.97
CA SER C 13 30.64 -0.21 2.53
C SER C 13 29.78 -1.23 3.34
N GLY C 14 28.50 -0.94 3.55
CA GLY C 14 27.66 -1.83 4.30
C GLY C 14 27.28 -3.09 3.53
N HIS C 15 27.10 -4.21 4.28
CA HIS C 15 26.72 -5.54 3.78
C HIS C 15 26.24 -6.49 4.87
#